data_5XA4
#
_entry.id   5XA4
#
_cell.length_a   154.002
_cell.length_b   154.002
_cell.length_c   36.626
_cell.angle_alpha   90.000
_cell.angle_beta   90.000
_cell.angle_gamma   120.000
#
_symmetry.space_group_name_H-M   'P 61'
#
loop_
_entity.id
_entity.type
_entity.pdbx_description
1 polymer 'Heme acquisition protein HasAp'
2 non-polymer '10,20-Diphenyl-5,15-diaza-porphyrin containing FE'
3 water water
#
_entity_poly.entity_id   1
_entity_poly.type   'polypeptide(L)'
_entity_poly.pdbx_seq_one_letter_code
;MSISISYSTTYSGWTVADYLADWSAYFGDVNHRPGQVVDGSNTGGFNPGPFDGSQYALKSTASDAAFIAGGDLHYTLFSN
PSHTLWGKLDSIALGDTLTGGASSGGYALDSQEVSFSNLGLDSPIAQGRDGTVHKVVYGLMSGDSSALQGQIDALLKAVD
PSLSINSTFDQLAAAGVAHATPAA
;
_entity_poly.pdbx_strand_id   A,B
#
# COMPACT_ATOMS: atom_id res chain seq x y z
N MET A 1 -16.18 -12.39 -5.96
CA MET A 1 -16.10 -10.90 -5.83
C MET A 1 -15.85 -10.24 -7.18
N SER A 2 -16.65 -9.24 -7.51
CA SER A 2 -16.63 -8.62 -8.83
C SER A 2 -15.48 -7.62 -8.97
N ILE A 3 -15.23 -7.25 -10.22
CA ILE A 3 -14.22 -6.26 -10.56
C ILE A 3 -14.38 -5.00 -9.70
N SER A 4 -13.26 -4.48 -9.21
CA SER A 4 -13.24 -3.26 -8.41
C SER A 4 -12.16 -2.36 -8.98
N ILE A 5 -12.47 -1.07 -9.11
CA ILE A 5 -11.60 -0.11 -9.77
C ILE A 5 -11.33 1.06 -8.85
N SER A 6 -10.07 1.46 -8.78
CA SER A 6 -9.65 2.67 -8.09
C SER A 6 -9.17 3.65 -9.14
N TYR A 7 -9.55 4.92 -9.04
CA TYR A 7 -9.10 5.93 -10.00
C TYR A 7 -8.88 7.28 -9.35
N SER A 8 -7.85 7.97 -9.79
N SER A 8 -7.84 7.98 -9.80
CA SER A 8 -7.65 9.36 -9.41
CA SER A 8 -7.64 9.38 -9.45
C SER A 8 -8.77 10.22 -10.00
C SER A 8 -8.79 10.21 -10.00
N THR A 9 -9.18 11.24 -9.26
CA THR A 9 -10.25 12.15 -9.69
C THR A 9 -9.96 12.84 -11.02
N THR A 10 -8.68 12.97 -11.37
CA THR A 10 -8.27 13.43 -12.68
C THR A 10 -9.02 12.76 -13.83
N TYR A 11 -9.29 11.46 -13.66
CA TYR A 11 -9.91 10.65 -14.73
C TYR A 11 -11.41 10.45 -14.61
N SER A 12 -12.06 11.18 -13.72
N SER A 12 -12.06 11.17 -13.71
CA SER A 12 -13.49 10.99 -13.44
CA SER A 12 -13.49 11.04 -13.44
C SER A 12 -14.37 11.00 -14.70
C SER A 12 -14.36 11.02 -14.69
N GLY A 13 -14.05 11.93 -15.61
CA GLY A 13 -14.81 12.09 -16.85
C GLY A 13 -14.27 11.38 -18.06
N TRP A 14 -13.20 10.58 -17.88
CA TRP A 14 -12.65 9.76 -18.95
C TRP A 14 -13.32 8.40 -19.01
N THR A 15 -13.42 7.84 -20.21
CA THR A 15 -13.80 6.44 -20.32
C THR A 15 -12.58 5.56 -20.00
N VAL A 16 -12.87 4.32 -19.60
CA VAL A 16 -11.78 3.38 -19.30
C VAL A 16 -10.96 3.12 -20.58
N ALA A 17 -11.64 2.97 -21.71
CA ALA A 17 -10.96 2.73 -22.99
C ALA A 17 -10.02 3.86 -23.39
N ASP A 18 -10.50 5.11 -23.27
CA ASP A 18 -9.66 6.26 -23.62
C ASP A 18 -8.48 6.37 -22.67
N TYR A 19 -8.73 6.14 -21.37
CA TYR A 19 -7.67 6.15 -20.40
C TYR A 19 -6.58 5.11 -20.74
N LEU A 20 -6.99 3.87 -21.02
CA LEU A 20 -6.02 2.82 -21.27
C LEU A 20 -5.25 3.02 -22.56
N ALA A 21 -5.92 3.51 -23.60
CA ALA A 21 -5.22 3.80 -24.86
C ALA A 21 -4.17 4.88 -24.64
N ASP A 22 -4.51 5.92 -23.88
CA ASP A 22 -3.55 6.97 -23.56
C ASP A 22 -2.41 6.44 -22.70
N TRP A 23 -2.75 5.59 -21.72
CA TRP A 23 -1.72 5.07 -20.84
C TRP A 23 -0.73 4.19 -21.61
N SER A 24 -1.22 3.32 -22.47
CA SER A 24 -0.35 2.47 -23.29
C SER A 24 0.61 3.26 -24.15
N ALA A 25 0.12 4.34 -24.79
CA ALA A 25 0.97 5.18 -25.63
C ALA A 25 2.02 5.90 -24.79
N TYR A 26 1.66 6.25 -23.57
CA TYR A 26 2.54 6.92 -22.62
C TYR A 26 3.63 5.97 -22.06
N PHE A 27 3.24 4.77 -21.63
CA PHE A 27 4.21 3.78 -21.20
C PHE A 27 5.08 3.34 -22.38
N GLY A 28 4.46 3.12 -23.53
CA GLY A 28 5.19 2.76 -24.74
C GLY A 28 5.47 1.27 -24.78
N ASP A 29 6.59 0.94 -25.39
CA ASP A 29 6.98 -0.45 -25.69
C ASP A 29 8.40 -0.61 -25.18
N VAL A 30 8.65 -1.54 -24.25
CA VAL A 30 10.01 -1.76 -23.74
C VAL A 30 10.86 -2.66 -24.66
N ASN A 31 10.27 -3.12 -25.75
CA ASN A 31 10.96 -4.00 -26.71
C ASN A 31 11.51 -5.24 -26.03
N HIS A 32 10.65 -5.90 -25.26
CA HIS A 32 10.97 -7.16 -24.61
C HIS A 32 10.52 -8.24 -25.58
N ARG A 33 11.46 -8.72 -26.39
CA ARG A 33 11.18 -9.59 -27.53
C ARG A 33 12.41 -10.43 -27.77
N PRO A 34 12.26 -11.53 -28.54
CA PRO A 34 13.41 -12.38 -28.80
C PRO A 34 14.60 -11.63 -29.36
N GLY A 35 15.76 -11.90 -28.79
CA GLY A 35 16.99 -11.23 -29.17
C GLY A 35 17.19 -9.86 -28.58
N GLN A 36 16.19 -9.32 -27.88
CA GLN A 36 16.19 -7.94 -27.40
C GLN A 36 16.16 -7.81 -25.88
N VAL A 37 16.20 -8.92 -25.17
CA VAL A 37 16.33 -8.91 -23.70
C VAL A 37 17.75 -9.34 -23.44
N VAL A 38 18.66 -8.37 -23.49
CA VAL A 38 20.11 -8.63 -23.50
C VAL A 38 20.82 -8.10 -22.27
N ASP A 39 20.08 -7.44 -21.39
CA ASP A 39 20.55 -6.97 -20.10
C ASP A 39 19.33 -6.77 -19.23
N GLY A 40 19.52 -6.11 -18.08
CA GLY A 40 18.43 -5.95 -17.11
C GLY A 40 17.51 -4.77 -17.32
N SER A 41 17.68 -4.04 -18.42
CA SER A 41 16.99 -2.76 -18.59
C SER A 41 15.51 -2.88 -18.96
N ASN A 42 15.09 -4.02 -19.50
CA ASN A 42 13.71 -4.20 -19.98
C ASN A 42 13.12 -5.54 -19.57
N THR A 43 13.60 -6.10 -18.48
CA THR A 43 13.10 -7.36 -17.97
C THR A 43 11.84 -7.25 -17.13
N GLY A 44 11.73 -6.20 -16.33
CA GLY A 44 10.81 -6.21 -15.18
C GLY A 44 11.36 -7.12 -14.08
N GLY A 45 10.52 -7.48 -13.13
CA GLY A 45 10.95 -8.33 -12.03
C GLY A 45 9.78 -8.92 -11.29
N PHE A 46 10.03 -10.02 -10.59
CA PHE A 46 9.05 -10.74 -9.80
C PHE A 46 9.28 -10.58 -8.31
N ASN A 47 8.19 -10.58 -7.57
CA ASN A 47 8.22 -10.69 -6.11
C ASN A 47 7.56 -12.01 -5.73
N PRO A 48 8.31 -13.01 -5.23
CA PRO A 48 9.71 -12.93 -4.83
C PRO A 48 10.72 -13.24 -5.94
N GLY A 49 10.28 -13.83 -7.04
CA GLY A 49 11.23 -14.30 -8.05
C GLY A 49 11.85 -15.62 -7.64
N PRO A 50 12.77 -16.15 -8.43
CA PRO A 50 13.31 -15.49 -9.63
C PRO A 50 12.39 -15.42 -10.85
N PHE A 51 11.52 -16.41 -11.03
CA PHE A 51 10.66 -16.53 -12.24
C PHE A 51 9.20 -16.72 -11.92
N ASP A 52 8.83 -16.48 -10.66
CA ASP A 52 7.46 -16.64 -10.18
C ASP A 52 7.25 -15.59 -9.13
N GLY A 53 6.01 -15.11 -9.03
CA GLY A 53 5.72 -14.11 -8.02
C GLY A 53 4.26 -13.89 -7.79
N SER A 54 3.94 -13.36 -6.61
CA SER A 54 2.66 -12.74 -6.40
C SER A 54 2.55 -11.38 -7.10
N GLN A 55 3.68 -10.82 -7.52
CA GLN A 55 3.71 -9.62 -8.33
C GLN A 55 4.74 -9.77 -9.42
N TYR A 56 4.42 -9.19 -10.59
CA TYR A 56 5.37 -8.91 -11.67
C TYR A 56 5.22 -7.43 -11.95
N ALA A 57 6.33 -6.71 -11.99
CA ALA A 57 6.30 -5.26 -12.23
C ALA A 57 7.32 -4.85 -13.27
N LEU A 58 7.00 -3.80 -14.01
CA LEU A 58 7.85 -3.33 -15.09
C LEU A 58 7.73 -1.82 -15.22
N LYS A 59 8.89 -1.18 -15.34
CA LYS A 59 9.00 0.24 -15.66
C LYS A 59 9.13 0.49 -17.16
N SER A 60 8.49 1.54 -17.64
N SER A 60 8.51 1.58 -17.61
CA SER A 60 8.69 2.02 -18.99
CA SER A 60 8.69 2.15 -18.95
C SER A 60 10.15 2.45 -19.19
C SER A 60 10.17 2.48 -19.24
N THR A 61 10.68 2.15 -20.37
N THR A 61 10.51 2.58 -20.53
CA THR A 61 12.01 2.64 -20.79
CA THR A 61 11.88 2.89 -20.93
C THR A 61 11.90 4.00 -21.49
C THR A 61 12.15 4.40 -20.85
N ALA A 62 10.66 4.46 -21.72
N ALA A 62 11.19 5.20 -21.30
CA ALA A 62 10.37 5.74 -22.38
CA ALA A 62 11.47 6.62 -21.51
C ALA A 62 9.94 6.86 -21.42
C ALA A 62 10.57 7.54 -20.69
N SER A 63 9.18 6.52 -20.39
N SER A 63 9.77 6.97 -19.80
CA SER A 63 8.59 7.48 -19.47
CA SER A 63 8.88 7.77 -18.95
C SER A 63 8.77 6.99 -18.04
C SER A 63 8.85 7.22 -17.54
N ASP A 64 8.25 7.76 -17.09
N ASP A 64 8.08 7.89 -16.68
CA ASP A 64 8.26 7.36 -15.68
CA ASP A 64 7.90 7.44 -15.30
C ASP A 64 7.08 6.35 -15.30
C ASP A 64 6.89 6.27 -15.17
N ALA A 65 6.25 5.92 -16.28
CA ALA A 65 5.16 4.97 -16.16
C ALA A 65 5.64 3.60 -15.72
N ALA A 66 4.80 2.91 -14.97
CA ALA A 66 5.05 1.53 -14.57
C ALA A 66 3.75 0.83 -14.34
N PHE A 67 3.78 -0.50 -14.37
CA PHE A 67 2.64 -1.29 -13.94
C PHE A 67 3.05 -2.37 -12.98
N ILE A 68 2.11 -2.80 -12.15
CA ILE A 68 2.28 -3.96 -11.27
C ILE A 68 1.13 -4.91 -11.52
N ALA A 69 1.46 -6.14 -11.93
CA ALA A 69 0.51 -7.22 -12.09
C ALA A 69 0.53 -8.05 -10.82
N GLY A 70 -0.63 -8.25 -10.20
CA GLY A 70 -0.73 -9.04 -8.97
C GLY A 70 -1.53 -10.30 -9.20
N GLY A 71 -1.08 -11.39 -8.57
CA GLY A 71 -1.78 -12.65 -8.68
C GLY A 71 -0.92 -13.78 -8.18
N ASP A 72 -0.82 -14.83 -8.97
CA ASP A 72 0.04 -15.98 -8.69
C ASP A 72 0.63 -16.33 -10.05
N LEU A 73 1.73 -15.66 -10.36
CA LEU A 73 2.24 -15.59 -11.74
C LEU A 73 3.50 -16.40 -11.90
N HIS A 74 3.67 -16.92 -13.11
CA HIS A 74 4.78 -17.83 -13.44
C HIS A 74 5.32 -17.49 -14.80
N TYR A 75 6.63 -17.57 -14.97
CA TYR A 75 7.27 -17.38 -16.27
C TYR A 75 8.07 -18.59 -16.64
N THR A 76 7.87 -19.11 -17.84
CA THR A 76 8.56 -20.35 -18.25
C THR A 76 10.02 -20.15 -18.62
N LEU A 77 10.42 -18.91 -18.91
CA LEU A 77 11.77 -18.59 -19.37
C LEU A 77 12.06 -19.40 -20.64
N PHE A 78 13.01 -20.34 -20.59
CA PHE A 78 13.39 -21.11 -21.77
C PHE A 78 12.68 -22.44 -21.90
N SER A 79 11.93 -22.83 -20.86
N SER A 79 11.94 -22.84 -20.88
CA SER A 79 11.21 -24.11 -20.85
CA SER A 79 11.25 -24.13 -20.87
C SER A 79 9.99 -24.03 -21.76
C SER A 79 9.99 -24.05 -21.74
N ASN A 80 9.65 -25.15 -22.42
CA ASN A 80 8.44 -25.17 -23.27
CA ASN A 80 8.46 -25.18 -23.28
C ASN A 80 7.19 -24.97 -22.44
N PRO A 81 6.23 -24.15 -22.89
CA PRO A 81 6.30 -23.25 -24.06
C PRO A 81 7.11 -22.02 -23.65
N SER A 82 8.16 -21.71 -24.40
CA SER A 82 9.11 -20.70 -23.96
C SER A 82 8.48 -19.31 -23.88
N HIS A 83 8.99 -18.52 -22.95
CA HIS A 83 8.59 -17.13 -22.78
C HIS A 83 7.09 -16.95 -22.61
N THR A 84 6.50 -17.78 -21.75
CA THR A 84 5.08 -17.72 -21.43
C THR A 84 4.89 -17.23 -20.00
N LEU A 85 4.12 -16.15 -19.85
CA LEU A 85 3.69 -15.68 -18.55
C LEU A 85 2.29 -16.24 -18.32
N TRP A 86 2.12 -17.00 -17.24
CA TRP A 86 0.87 -17.72 -16.99
C TRP A 86 0.56 -17.70 -15.50
N GLY A 87 -0.57 -18.30 -15.14
CA GLY A 87 -1.01 -18.34 -13.76
C GLY A 87 -2.22 -17.45 -13.54
N LYS A 88 -2.41 -17.04 -12.30
CA LYS A 88 -3.54 -16.20 -11.92
C LYS A 88 -3.17 -14.73 -11.98
N LEU A 89 -4.01 -13.94 -12.63
CA LEU A 89 -3.89 -12.49 -12.66
C LEU A 89 -5.13 -11.91 -12.01
N ASP A 90 -4.94 -11.33 -10.83
CA ASP A 90 -6.01 -10.72 -10.05
C ASP A 90 -6.07 -9.21 -10.18
N SER A 91 -4.94 -8.55 -10.38
CA SER A 91 -4.92 -7.08 -10.39
C SER A 91 -3.90 -6.51 -11.32
N ILE A 92 -4.21 -5.30 -11.81
CA ILE A 92 -3.28 -4.49 -12.58
C ILE A 92 -3.34 -3.08 -12.02
N ALA A 93 -2.20 -2.55 -11.59
CA ALA A 93 -2.08 -1.17 -11.10
C ALA A 93 -1.21 -0.40 -12.08
N LEU A 94 -1.69 0.77 -12.49
CA LEU A 94 -1.02 1.62 -13.49
C LEU A 94 -0.75 2.97 -12.88
N GLY A 95 0.46 3.48 -13.10
CA GLY A 95 0.81 4.77 -12.53
C GLY A 95 2.26 5.13 -12.76
N ASP A 96 2.72 6.14 -12.04
CA ASP A 96 4.10 6.60 -12.15
C ASP A 96 4.94 6.16 -10.96
N THR A 97 6.20 5.89 -11.26
CA THR A 97 7.29 5.76 -10.27
C THR A 97 7.18 4.44 -9.49
N LEU A 98 7.68 3.39 -10.11
CA LEU A 98 7.76 2.09 -9.47
C LEU A 98 8.76 2.13 -8.33
N THR A 99 8.40 1.53 -7.21
CA THR A 99 9.25 1.46 -6.03
C THR A 99 9.30 0.02 -5.54
N GLY A 100 10.36 -0.29 -4.80
CA GLY A 100 10.46 -1.58 -4.14
C GLY A 100 10.83 -2.73 -5.04
N GLY A 101 10.36 -3.91 -4.67
CA GLY A 101 10.72 -5.17 -5.31
C GLY A 101 10.84 -6.26 -4.28
N ALA A 102 11.37 -7.40 -4.70
CA ALA A 102 11.44 -8.58 -3.83
C ALA A 102 12.23 -8.31 -2.55
N SER A 103 13.35 -7.62 -2.68
CA SER A 103 14.24 -7.36 -1.53
C SER A 103 13.62 -6.48 -0.44
N SER A 104 12.63 -5.66 -0.80
CA SER A 104 11.95 -4.82 0.20
C SER A 104 10.52 -5.25 0.50
N GLY A 105 10.19 -6.48 0.13
CA GLY A 105 8.92 -7.07 0.52
C GLY A 105 7.73 -6.76 -0.36
N GLY A 106 7.96 -6.13 -1.52
CA GLY A 106 6.91 -5.89 -2.48
C GLY A 106 7.15 -4.67 -3.33
N TYR A 107 6.53 -4.67 -4.51
CA TYR A 107 6.49 -3.53 -5.37
C TYR A 107 5.33 -2.63 -5.01
N ALA A 108 5.52 -1.33 -5.23
CA ALA A 108 4.46 -0.34 -5.15
C ALA A 108 4.67 0.78 -6.19
N LEU A 109 3.70 1.67 -6.31
CA LEU A 109 3.81 2.86 -7.15
C LEU A 109 3.69 4.08 -6.29
N ASP A 110 4.60 5.05 -6.45
CA ASP A 110 4.45 6.30 -5.70
C ASP A 110 3.23 7.10 -6.13
N SER A 111 2.89 7.00 -7.41
CA SER A 111 1.76 7.76 -7.96
C SER A 111 0.86 6.92 -8.87
N GLN A 112 0.08 6.05 -8.26
CA GLN A 112 -0.91 5.28 -9.02
C GLN A 112 -1.98 6.18 -9.63
N GLU A 113 -2.35 5.89 -10.87
CA GLU A 113 -3.44 6.55 -11.56
C GLU A 113 -4.72 5.73 -11.37
N VAL A 114 -4.65 4.47 -11.76
CA VAL A 114 -5.83 3.61 -11.85
C VAL A 114 -5.38 2.19 -11.54
N SER A 115 -6.21 1.47 -10.80
CA SER A 115 -6.00 0.02 -10.65
C SER A 115 -7.30 -0.75 -10.84
N PHE A 116 -7.14 -1.97 -11.34
CA PHE A 116 -8.24 -2.89 -11.61
C PHE A 116 -7.97 -4.13 -10.77
N SER A 117 -8.92 -4.51 -9.93
CA SER A 117 -8.78 -5.64 -9.00
C SER A 117 -9.89 -6.65 -9.22
N ASN A 118 -9.68 -7.85 -8.70
CA ASN A 118 -10.61 -8.98 -8.84
C ASN A 118 -10.85 -9.32 -10.31
N LEU A 119 -9.78 -9.35 -11.08
CA LEU A 119 -9.88 -9.65 -12.51
C LEU A 119 -10.25 -11.10 -12.78
N GLY A 120 -9.93 -12.00 -11.86
CA GLY A 120 -10.35 -13.41 -11.97
C GLY A 120 -9.78 -14.18 -13.15
N LEU A 121 -8.62 -13.75 -13.66
CA LEU A 121 -8.01 -14.41 -14.81
C LEU A 121 -7.10 -15.51 -14.33
N ASP A 122 -7.11 -16.64 -15.03
CA ASP A 122 -6.25 -17.76 -14.68
C ASP A 122 -5.97 -18.56 -15.95
N SER A 123 -4.73 -18.53 -16.40
CA SER A 123 -4.33 -19.18 -17.65
C SER A 123 -3.36 -20.31 -17.36
N PRO A 124 -3.62 -21.50 -17.94
CA PRO A 124 -2.73 -22.63 -17.74
C PRO A 124 -1.48 -22.57 -18.61
N ILE A 125 -0.43 -23.24 -18.17
CA ILE A 125 0.85 -23.23 -18.88
C ILE A 125 0.74 -23.74 -20.31
N ALA A 126 -0.09 -24.76 -20.53
CA ALA A 126 -0.11 -25.43 -21.84
C ALA A 126 -0.69 -24.59 -22.96
N GLN A 127 -1.39 -23.48 -22.67
CA GLN A 127 -1.79 -22.54 -23.70
C GLN A 127 -0.65 -21.71 -24.24
N GLY A 128 0.49 -21.68 -23.53
CA GLY A 128 1.62 -20.88 -23.99
C GLY A 128 1.22 -19.43 -24.13
N ARG A 129 1.75 -18.77 -25.17
N ARG A 129 1.75 -18.78 -25.17
CA ARG A 129 1.50 -17.34 -25.38
CA ARG A 129 1.51 -17.35 -25.39
C ARG A 129 0.09 -17.04 -25.92
C ARG A 129 0.13 -17.04 -25.99
N ASP A 130 -0.70 -18.08 -26.18
CA ASP A 130 -2.13 -17.88 -26.46
C ASP A 130 -2.95 -17.68 -25.20
N GLY A 131 -2.37 -17.83 -24.01
CA GLY A 131 -3.10 -17.61 -22.79
C GLY A 131 -3.51 -16.16 -22.60
N THR A 132 -4.66 -15.95 -21.99
CA THR A 132 -5.18 -14.60 -21.79
C THR A 132 -4.28 -13.79 -20.84
N VAL A 133 -3.80 -14.41 -19.77
CA VAL A 133 -2.89 -13.70 -18.85
C VAL A 133 -1.66 -13.20 -19.60
N HIS A 134 -1.08 -14.06 -20.41
CA HIS A 134 0.08 -13.69 -21.21
C HIS A 134 -0.22 -12.49 -22.09
N LYS A 135 -1.31 -12.56 -22.83
CA LYS A 135 -1.67 -11.48 -23.75
C LYS A 135 -1.97 -10.18 -23.03
N VAL A 136 -2.65 -10.25 -21.90
CA VAL A 136 -2.94 -9.05 -21.12
C VAL A 136 -1.65 -8.37 -20.67
N VAL A 137 -0.77 -9.14 -20.03
CA VAL A 137 0.46 -8.54 -19.47
C VAL A 137 1.42 -8.14 -20.59
N TYR A 138 1.63 -9.01 -21.57
CA TYR A 138 2.53 -8.66 -22.67
C TYR A 138 2.04 -7.42 -23.43
N GLY A 139 0.73 -7.27 -23.57
CA GLY A 139 0.19 -6.07 -24.15
C GLY A 139 0.62 -4.82 -23.43
N LEU A 140 0.58 -4.84 -22.10
CA LEU A 140 1.05 -3.72 -21.28
C LEU A 140 2.55 -3.47 -21.42
N MET A 141 3.33 -4.52 -21.64
CA MET A 141 4.79 -4.39 -21.83
C MET A 141 5.14 -3.76 -23.18
N SER A 142 4.25 -3.93 -24.17
CA SER A 142 4.58 -3.67 -25.57
C SER A 142 3.74 -2.55 -26.22
N GLY A 143 2.99 -1.79 -25.44
CA GLY A 143 2.28 -0.62 -25.97
C GLY A 143 0.91 -0.88 -26.57
N ASP A 144 0.27 -1.98 -26.20
CA ASP A 144 -1.06 -2.29 -26.70
C ASP A 144 -1.88 -2.87 -25.57
N SER A 145 -2.78 -2.08 -25.02
CA SER A 145 -3.65 -2.56 -23.93
C SER A 145 -4.99 -3.14 -24.38
N SER A 146 -5.12 -3.53 -25.64
N SER A 146 -5.11 -3.52 -25.66
CA SER A 146 -6.40 -4.04 -26.14
CA SER A 146 -6.33 -4.10 -26.19
C SER A 146 -6.84 -5.33 -25.44
C SER A 146 -6.81 -5.28 -25.37
N ALA A 147 -5.90 -6.20 -25.05
CA ALA A 147 -6.26 -7.41 -24.34
C ALA A 147 -6.83 -7.10 -22.96
N LEU A 148 -6.15 -6.21 -22.22
CA LEU A 148 -6.66 -5.76 -20.93
C LEU A 148 -8.05 -5.10 -21.08
N GLN A 149 -8.18 -4.20 -22.06
CA GLN A 149 -9.47 -3.55 -22.31
C GLN A 149 -10.59 -4.59 -22.52
N GLY A 150 -10.31 -5.62 -23.32
CA GLY A 150 -11.31 -6.65 -23.61
C GLY A 150 -11.75 -7.41 -22.37
N GLN A 151 -10.79 -7.73 -21.51
CA GLN A 151 -11.12 -8.44 -20.27
C GLN A 151 -11.90 -7.58 -19.29
N ILE A 152 -11.52 -6.31 -19.17
CA ILE A 152 -12.27 -5.39 -18.31
C ILE A 152 -13.69 -5.21 -18.84
N ASP A 153 -13.82 -5.05 -20.15
CA ASP A 153 -15.15 -4.90 -20.76
C ASP A 153 -16.08 -6.06 -20.40
N ALA A 154 -15.58 -7.28 -20.52
CA ALA A 154 -16.38 -8.47 -20.22
C ALA A 154 -16.78 -8.52 -18.76
N LEU A 155 -15.84 -8.22 -17.87
CA LEU A 155 -16.14 -8.17 -16.43
C LEU A 155 -17.20 -7.12 -16.09
N LEU A 156 -17.10 -5.94 -16.70
CA LEU A 156 -18.08 -4.87 -16.45
C LEU A 156 -19.47 -5.24 -16.95
N LYS A 157 -19.53 -5.75 -18.17
CA LYS A 157 -20.81 -6.15 -18.76
C LYS A 157 -21.52 -7.25 -17.97
N ALA A 158 -20.75 -8.13 -17.37
CA ALA A 158 -21.29 -9.19 -16.52
C ALA A 158 -21.86 -8.67 -15.19
N VAL A 159 -21.32 -7.57 -14.67
CA VAL A 159 -21.92 -6.89 -13.52
C VAL A 159 -23.27 -6.32 -13.91
N ASP A 160 -23.30 -5.53 -14.97
CA ASP A 160 -24.55 -5.00 -15.51
C ASP A 160 -24.33 -4.65 -16.97
N PRO A 161 -25.30 -5.00 -17.84
CA PRO A 161 -25.08 -4.75 -19.27
C PRO A 161 -25.03 -3.26 -19.69
N SER A 162 -25.37 -2.34 -18.79
CA SER A 162 -25.16 -0.91 -19.06
C SER A 162 -23.71 -0.44 -18.87
N LEU A 163 -22.87 -1.28 -18.25
CA LEU A 163 -21.47 -0.93 -17.99
C LEU A 163 -20.57 -1.48 -19.07
N SER A 164 -19.51 -0.74 -19.37
CA SER A 164 -18.58 -1.14 -20.40
C SER A 164 -17.27 -0.42 -20.22
N ILE A 165 -16.32 -0.80 -21.05
CA ILE A 165 -15.06 -0.05 -21.18
C ILE A 165 -15.28 1.40 -21.63
N ASN A 166 -16.45 1.71 -22.19
CA ASN A 166 -16.82 3.07 -22.61
C ASN A 166 -17.64 3.86 -21.61
N SER A 167 -17.84 3.27 -20.43
CA SER A 167 -18.34 4.01 -19.28
C SER A 167 -17.24 4.93 -18.79
N THR A 168 -17.62 6.08 -18.27
CA THR A 168 -16.67 6.91 -17.55
C THR A 168 -16.38 6.28 -16.18
N PHE A 169 -15.26 6.67 -15.60
CA PHE A 169 -14.97 6.22 -14.24
C PHE A 169 -16.06 6.65 -13.26
N ASP A 170 -16.58 7.87 -13.42
CA ASP A 170 -17.68 8.30 -12.53
C ASP A 170 -18.95 7.47 -12.72
N GLN A 171 -19.25 7.04 -13.95
CA GLN A 171 -20.36 6.14 -14.18
C GLN A 171 -20.13 4.80 -13.45
N LEU A 172 -18.92 4.29 -13.53
CA LEU A 172 -18.58 3.05 -12.83
C LEU A 172 -18.68 3.21 -11.32
N ALA A 173 -18.35 4.40 -10.81
CA ALA A 173 -18.51 4.70 -9.39
C ALA A 173 -19.98 4.71 -8.97
N ALA A 174 -20.82 5.33 -9.79
CA ALA A 174 -22.28 5.33 -9.53
C ALA A 174 -22.86 3.91 -9.50
N ALA A 175 -22.27 3.02 -10.29
CA ALA A 175 -22.65 1.60 -10.30
C ALA A 175 -22.08 0.76 -9.15
N GLY A 176 -21.22 1.36 -8.33
CA GLY A 176 -20.62 0.66 -7.20
C GLY A 176 -19.39 -0.17 -7.52
N VAL A 177 -18.88 -0.07 -8.74
CA VAL A 177 -17.72 -0.84 -9.21
C VAL A 177 -16.42 -0.07 -8.97
N ALA A 178 -16.46 1.25 -9.08
CA ALA A 178 -15.26 2.08 -9.02
C ALA A 178 -15.33 3.05 -7.87
N HIS A 179 -14.18 3.55 -7.44
CA HIS A 179 -14.09 4.45 -6.30
C HIS A 179 -12.97 5.43 -6.57
N ALA A 180 -13.31 6.72 -6.48
CA ALA A 180 -12.34 7.78 -6.65
C ALA A 180 -11.40 7.79 -5.44
N THR A 181 -10.15 8.17 -5.69
CA THR A 181 -9.15 8.26 -4.64
C THR A 181 -9.59 9.30 -3.60
N PRO A 182 -9.48 8.98 -2.28
CA PRO A 182 -9.92 9.94 -1.25
C PRO A 182 -9.32 11.35 -1.37
N ALA A 183 -10.10 12.34 -0.97
CA ALA A 183 -9.71 13.75 -1.03
C ALA A 183 -8.72 14.12 0.08
N ALA A 184 -8.19 15.33 -0.01
CA ALA A 184 -7.18 15.89 0.92
C ALA A 184 -5.82 15.23 0.70
N MET B 1 19.69 2.26 14.33
N MET B 1 19.83 1.96 14.95
CA MET B 1 19.55 2.71 15.75
CA MET B 1 19.61 2.63 16.25
C MET B 1 18.38 2.01 16.46
C MET B 1 18.50 1.93 17.03
N SER B 2 18.53 1.84 17.79
N SER B 2 18.67 1.89 18.35
CA SER B 2 17.56 1.12 18.66
CA SER B 2 17.74 1.19 19.19
C SER B 2 16.42 2.02 19.18
C SER B 2 16.47 2.05 19.33
N ILE B 3 15.36 1.39 19.67
CA ILE B 3 14.09 2.10 20.02
C ILE B 3 14.33 3.36 20.86
N SER B 4 13.70 4.45 20.44
CA SER B 4 13.73 5.70 21.20
C SER B 4 12.31 6.16 21.45
N ILE B 5 12.05 6.64 22.66
CA ILE B 5 10.72 7.08 23.06
C ILE B 5 10.83 8.53 23.53
N SER B 6 9.90 9.35 23.06
N SER B 6 9.91 9.36 23.09
CA SER B 6 9.76 10.74 23.51
CA SER B 6 9.83 10.74 23.58
C SER B 6 8.46 10.81 24.31
C SER B 6 8.48 10.94 24.23
N TYR B 7 8.45 11.53 25.42
CA TYR B 7 7.23 11.69 26.21
C TYR B 7 7.16 13.04 26.89
N SER B 8 5.96 13.62 26.93
CA SER B 8 5.71 14.80 27.74
C SER B 8 5.84 14.41 29.21
N THR B 9 6.47 15.29 30.01
CA THR B 9 6.63 15.05 31.45
C THR B 9 5.32 14.82 32.20
N THR B 10 4.21 15.28 31.65
CA THR B 10 2.87 14.90 32.11
C THR B 10 2.71 13.39 32.36
N TYR B 11 3.35 12.58 31.52
CA TYR B 11 3.24 11.12 31.61
C TYR B 11 4.44 10.41 32.22
N SER B 12 5.32 11.18 32.88
CA SER B 12 6.53 10.64 33.52
C SER B 12 6.27 9.41 34.39
N GLY B 13 5.21 9.45 35.19
CA GLY B 13 4.87 8.36 36.10
C GLY B 13 3.94 7.28 35.57
N TRP B 14 3.52 7.42 34.31
CA TRP B 14 2.64 6.45 33.68
C TRP B 14 3.44 5.29 33.12
N THR B 15 2.86 4.10 33.14
CA THR B 15 3.45 2.99 32.38
C THR B 15 3.06 3.18 30.92
N VAL B 16 3.88 2.60 30.04
CA VAL B 16 3.60 2.67 28.61
C VAL B 16 2.26 2.01 28.31
N ALA B 17 2.02 0.85 28.89
CA ALA B 17 0.77 0.12 28.70
C ALA B 17 -0.46 0.91 29.14
N ASP B 18 -0.38 1.56 30.30
CA ASP B 18 -1.51 2.36 30.79
C ASP B 18 -1.74 3.58 29.90
N TYR B 19 -0.66 4.22 29.46
CA TYR B 19 -0.80 5.36 28.57
C TYR B 19 -1.46 4.94 27.26
N LEU B 20 -1.00 3.84 26.67
CA LEU B 20 -1.55 3.37 25.39
C LEU B 20 -3.00 2.91 25.49
N ALA B 21 -3.34 2.18 26.55
CA ALA B 21 -4.74 1.79 26.78
C ALA B 21 -5.65 3.02 26.91
N ASP B 22 -5.20 4.03 27.64
CA ASP B 22 -5.94 5.28 27.85
C ASP B 22 -6.08 6.08 26.55
N TRP B 23 -4.97 6.20 25.81
CA TRP B 23 -4.99 6.93 24.55
C TRP B 23 -5.94 6.26 23.54
N SER B 24 -5.91 4.94 23.46
CA SER B 24 -6.79 4.21 22.53
C SER B 24 -8.28 4.39 22.83
N ALA B 25 -8.63 4.39 24.11
CA ALA B 25 -10.00 4.66 24.54
C ALA B 25 -10.44 6.09 24.20
N TYR B 26 -9.51 7.02 24.34
CA TYR B 26 -9.72 8.44 24.04
C TYR B 26 -9.88 8.69 22.52
N PHE B 27 -9.03 8.04 21.72
CA PHE B 27 -9.14 8.06 20.25
C PHE B 27 -10.41 7.31 19.79
N GLY B 28 -10.65 6.16 20.41
CA GLY B 28 -11.81 5.34 20.11
C GLY B 28 -11.65 4.53 18.83
N ASP B 29 -12.77 4.23 18.19
CA ASP B 29 -12.83 3.42 16.99
C ASP B 29 -13.46 4.28 15.90
N VAL B 30 -12.71 4.61 14.84
CA VAL B 30 -13.25 5.42 13.72
C VAL B 30 -14.18 4.64 12.79
N ASN B 31 -14.32 3.33 13.01
CA ASN B 31 -15.20 2.46 12.21
C ASN B 31 -14.79 2.43 10.74
N HIS B 32 -13.48 2.26 10.51
CA HIS B 32 -12.92 2.12 9.18
C HIS B 32 -13.00 0.63 8.85
N ARG B 33 -14.15 0.25 8.29
CA ARG B 33 -14.49 -1.14 8.00
C ARG B 33 -15.24 -1.20 6.66
N PRO B 34 -15.35 -2.40 6.04
CA PRO B 34 -16.03 -2.50 4.75
C PRO B 34 -17.45 -1.93 4.77
N GLY B 35 -17.72 -1.00 3.85
CA GLY B 35 -19.01 -0.31 3.77
C GLY B 35 -19.18 0.89 4.68
N GLN B 36 -18.25 1.11 5.62
CA GLN B 36 -18.33 2.19 6.61
C GLN B 36 -17.29 3.30 6.43
N VAL B 37 -16.42 3.19 5.43
CA VAL B 37 -15.41 4.20 5.16
C VAL B 37 -16.05 5.35 4.37
N VAL B 38 -15.98 6.55 4.92
CA VAL B 38 -16.58 7.74 4.32
C VAL B 38 -15.47 8.73 4.03
N ASP B 39 -15.41 9.17 2.77
CA ASP B 39 -14.44 10.13 2.27
C ASP B 39 -14.51 11.42 3.12
N GLY B 40 -13.35 11.85 3.60
CA GLY B 40 -13.25 13.06 4.44
C GLY B 40 -13.72 12.91 5.89
N SER B 41 -13.96 11.67 6.34
CA SER B 41 -14.47 11.41 7.69
C SER B 41 -13.55 10.48 8.49
N ASN B 42 -13.33 9.27 7.98
CA ASN B 42 -12.57 8.24 8.68
C ASN B 42 -11.59 7.48 7.77
N THR B 43 -11.10 8.14 6.73
CA THR B 43 -10.11 7.54 5.82
C THR B 43 -8.67 7.67 6.32
N GLY B 44 -8.36 8.83 6.90
CA GLY B 44 -6.97 9.23 7.13
C GLY B 44 -6.35 9.68 5.83
N GLY B 45 -5.04 9.83 5.80
CA GLY B 45 -4.34 10.21 4.58
C GLY B 45 -2.87 9.90 4.63
N PHE B 46 -2.27 9.80 3.45
CA PHE B 46 -0.85 9.54 3.28
C PHE B 46 -0.10 10.79 2.82
N ASN B 47 1.13 10.90 3.26
CA ASN B 47 2.07 11.89 2.74
C ASN B 47 3.25 11.14 2.13
N PRO B 48 3.52 11.24 0.82
CA PRO B 48 2.84 12.13 -0.13
C PRO B 48 1.49 11.64 -0.65
N GLY B 49 1.19 10.35 -0.49
CA GLY B 49 -0.01 9.78 -1.06
C GLY B 49 0.10 9.59 -2.58
N PRO B 50 -0.97 9.11 -3.23
CA PRO B 50 -2.28 8.86 -2.63
C PRO B 50 -2.42 7.59 -1.77
N PHE B 51 -1.68 6.53 -2.10
CA PHE B 51 -1.83 5.24 -1.42
C PHE B 51 -0.55 4.79 -0.72
N ASP B 52 0.45 5.67 -0.69
CA ASP B 52 1.78 5.32 -0.21
C ASP B 52 2.39 6.56 0.40
N GLY B 53 3.21 6.39 1.42
CA GLY B 53 3.87 7.56 1.97
C GLY B 53 4.87 7.27 3.06
N SER B 54 5.68 8.29 3.35
CA SER B 54 6.50 8.29 4.55
C SER B 54 5.66 8.50 5.82
N GLN B 55 4.42 8.96 5.69
CA GLN B 55 3.48 9.06 6.80
C GLN B 55 2.08 8.61 6.41
N TYR B 56 1.39 7.99 7.35
CA TYR B 56 -0.06 7.80 7.31
C TYR B 56 -0.57 8.43 8.60
N ALA B 57 -1.59 9.28 8.49
CA ALA B 57 -2.12 10.00 9.66
C ALA B 57 -3.63 9.93 9.69
N LEU B 58 -4.20 9.88 10.89
CA LEU B 58 -5.64 9.74 11.06
C LEU B 58 -6.09 10.48 12.31
N LYS B 59 -7.15 11.28 12.17
CA LYS B 59 -7.81 11.96 13.28
C LYS B 59 -8.91 11.09 13.83
N SER B 60 -9.09 11.14 15.14
CA SER B 60 -10.25 10.54 15.80
C SER B 60 -11.54 11.24 15.32
N THR B 61 -12.62 10.48 15.26
CA THR B 61 -13.96 11.06 15.02
C THR B 61 -14.70 11.35 16.34
N ALA B 62 -14.26 10.74 17.44
CA ALA B 62 -14.87 10.94 18.77
C ALA B 62 -14.20 12.05 19.60
N SER B 63 -12.96 12.38 19.28
CA SER B 63 -12.18 13.37 20.04
C SER B 63 -11.18 14.10 19.15
N ASP B 64 -10.37 14.97 19.77
CA ASP B 64 -9.26 15.64 19.07
C ASP B 64 -7.99 14.78 18.92
N ALA B 65 -8.00 13.55 19.43
CA ALA B 65 -6.88 12.62 19.29
C ALA B 65 -6.52 12.36 17.83
N ALA B 66 -5.22 12.12 17.60
CA ALA B 66 -4.73 11.78 16.27
C ALA B 66 -3.38 11.09 16.37
N PHE B 67 -3.09 10.20 15.42
CA PHE B 67 -1.77 9.59 15.35
C PHE B 67 -1.14 9.77 13.98
N ILE B 68 0.19 9.66 13.95
CA ILE B 68 0.97 9.69 12.73
C ILE B 68 1.89 8.47 12.74
N ALA B 69 1.71 7.61 11.76
CA ALA B 69 2.59 6.47 11.52
C ALA B 69 3.64 6.87 10.51
N GLY B 70 4.91 6.67 10.82
CA GLY B 70 6.00 7.08 9.95
C GLY B 70 6.82 5.91 9.47
N GLY B 71 7.32 5.97 8.25
CA GLY B 71 8.19 4.94 7.71
C GLY B 71 8.16 4.95 6.20
N ASP B 72 7.78 3.83 5.61
CA ASP B 72 7.69 3.69 4.15
C ASP B 72 6.52 2.77 3.93
N LEU B 73 5.32 3.37 3.88
CA LEU B 73 4.05 2.66 4.04
C LEU B 73 3.27 2.62 2.73
N HIS B 74 2.47 1.56 2.59
CA HIS B 74 1.75 1.26 1.36
C HIS B 74 0.40 0.67 1.70
N TYR B 75 -0.60 0.92 0.88
CA TYR B 75 -1.95 0.38 1.10
C TYR B 75 -2.49 -0.23 -0.18
N THR B 76 -3.02 -1.45 -0.10
CA THR B 76 -3.49 -2.18 -1.28
C THR B 76 -4.92 -1.87 -1.72
N LEU B 77 -5.70 -1.19 -0.89
CA LEU B 77 -7.13 -0.93 -1.15
C LEU B 77 -7.84 -2.19 -1.66
N PHE B 78 -8.30 -2.24 -2.92
CA PHE B 78 -9.10 -3.38 -3.36
C PHE B 78 -8.30 -4.57 -3.87
N SER B 79 -7.00 -4.39 -4.09
CA SER B 79 -6.18 -5.42 -4.72
C SER B 79 -5.74 -6.45 -3.71
N ASN B 80 -5.86 -7.72 -4.08
CA ASN B 80 -5.47 -8.81 -3.20
C ASN B 80 -3.98 -8.69 -2.84
N PRO B 81 -3.60 -8.82 -1.55
CA PRO B 81 -4.49 -8.99 -0.39
C PRO B 81 -5.16 -7.67 -0.01
N SER B 82 -6.48 -7.61 -0.09
CA SER B 82 -7.18 -6.34 -0.01
C SER B 82 -7.02 -5.69 1.36
N HIS B 83 -7.04 -4.37 1.35
CA HIS B 83 -7.05 -3.56 2.55
C HIS B 83 -5.90 -3.93 3.48
N THR B 84 -4.71 -4.03 2.92
CA THR B 84 -3.50 -4.31 3.67
C THR B 84 -2.63 -3.06 3.71
N LEU B 85 -2.30 -2.60 4.91
N LEU B 85 -2.32 -2.60 4.92
CA LEU B 85 -1.29 -1.58 5.12
CA LEU B 85 -1.28 -1.62 5.19
C LEU B 85 0.03 -2.28 5.44
C LEU B 85 0.02 -2.38 5.40
N TRP B 86 1.03 -2.09 4.59
CA TRP B 86 2.30 -2.82 4.69
C TRP B 86 3.49 -1.90 4.44
N GLY B 87 4.68 -2.45 4.58
CA GLY B 87 5.92 -1.73 4.39
C GLY B 87 6.67 -1.53 5.70
N LYS B 88 7.47 -0.47 5.76
CA LYS B 88 8.28 -0.19 6.95
C LYS B 88 7.55 0.76 7.88
N LEU B 89 7.44 0.37 9.14
CA LEU B 89 6.92 1.24 10.20
C LEU B 89 8.07 1.56 11.15
N ASP B 90 8.56 2.79 11.06
CA ASP B 90 9.64 3.28 11.89
C ASP B 90 9.15 3.97 13.15
N SER B 91 7.98 4.58 13.11
CA SER B 91 7.56 5.43 14.20
C SER B 91 6.06 5.54 14.34
N ILE B 92 5.60 5.78 15.56
CA ILE B 92 4.23 6.12 15.89
C ILE B 92 4.28 7.34 16.80
N ALA B 93 3.58 8.41 16.42
CA ALA B 93 3.44 9.60 17.26
C ALA B 93 1.97 9.75 17.63
N LEU B 94 1.72 9.97 18.91
CA LEU B 94 0.38 10.08 19.48
C LEU B 94 0.22 11.44 20.13
N GLY B 95 -0.96 12.03 19.97
CA GLY B 95 -1.24 13.32 20.58
C GLY B 95 -2.59 13.86 20.18
N ASP B 96 -2.70 15.18 20.20
CA ASP B 96 -3.92 15.91 19.83
C ASP B 96 -3.66 16.83 18.66
N THR B 97 -4.69 16.97 17.82
CA THR B 97 -4.81 18.04 16.83
C THR B 97 -3.82 17.90 15.66
N LEU B 98 -4.22 17.08 14.70
CA LEU B 98 -3.43 16.84 13.49
C LEU B 98 -3.40 18.08 12.59
N THR B 99 -2.22 18.45 12.13
CA THR B 99 -2.03 19.52 11.15
C THR B 99 -1.27 19.00 9.94
N GLY B 100 -1.24 19.82 8.88
CA GLY B 100 -0.43 19.54 7.71
C GLY B 100 -0.97 18.44 6.81
N GLY B 101 -0.06 17.88 6.02
CA GLY B 101 -0.41 16.89 5.00
C GLY B 101 0.59 16.93 3.86
N ALA B 102 0.24 16.26 2.76
CA ALA B 102 1.14 16.12 1.61
C ALA B 102 1.59 17.46 0.99
N SER B 103 0.64 18.38 0.82
CA SER B 103 0.94 19.69 0.22
C SER B 103 1.81 20.58 1.12
N SER B 104 1.71 20.37 2.43
CA SER B 104 2.55 21.04 3.43
C SER B 104 3.96 20.45 3.58
N GLY B 105 4.19 19.28 2.99
CA GLY B 105 5.46 18.56 3.15
C GLY B 105 5.57 17.79 4.45
N GLY B 106 4.43 17.50 5.08
CA GLY B 106 4.40 16.67 6.30
C GLY B 106 3.20 16.87 7.20
N TYR B 107 2.73 15.79 7.82
CA TYR B 107 1.79 15.85 8.93
C TYR B 107 2.53 16.17 10.22
N ALA B 108 1.83 16.80 11.16
CA ALA B 108 2.35 17.05 12.50
C ALA B 108 1.21 17.09 13.50
N LEU B 109 1.58 17.05 14.77
CA LEU B 109 0.66 17.23 15.87
C LEU B 109 1.09 18.50 16.61
N ASP B 110 0.14 19.43 16.79
N ASP B 110 0.17 19.44 16.81
CA ASP B 110 0.40 20.64 17.58
CA ASP B 110 0.49 20.64 17.59
C ASP B 110 0.63 20.29 19.06
C ASP B 110 0.53 20.36 19.11
N SER B 111 0.00 19.21 19.53
CA SER B 111 0.17 18.70 20.90
C SER B 111 0.58 17.21 20.89
N GLN B 112 1.84 16.95 20.56
CA GLN B 112 2.40 15.59 20.57
C GLN B 112 2.71 15.18 22.00
N GLU B 113 2.12 14.08 22.45
CA GLU B 113 2.27 13.60 23.83
C GLU B 113 3.38 12.55 23.97
N VAL B 114 3.33 11.53 23.12
CA VAL B 114 4.27 10.41 23.18
C VAL B 114 4.61 9.98 21.76
N SER B 115 5.87 9.67 21.50
CA SER B 115 6.25 9.03 20.25
C SER B 115 7.21 7.86 20.50
N PHE B 116 7.14 6.89 19.59
CA PHE B 116 8.00 5.71 19.61
C PHE B 116 8.68 5.67 18.26
N SER B 117 10.01 5.69 18.25
CA SER B 117 10.81 5.76 17.02
C SER B 117 11.83 4.63 16.97
N ASN B 118 12.41 4.44 15.78
CA ASN B 118 13.33 3.34 15.50
C ASN B 118 12.69 1.98 15.77
N LEU B 119 11.43 1.84 15.40
CA LEU B 119 10.70 0.60 15.67
C LEU B 119 11.21 -0.57 14.83
N GLY B 120 11.75 -0.30 13.64
CA GLY B 120 12.35 -1.37 12.83
C GLY B 120 11.40 -2.41 12.29
N LEU B 121 10.10 -2.09 12.25
CA LEU B 121 9.10 -3.03 11.77
C LEU B 121 9.01 -2.95 10.26
N ASP B 122 8.86 -4.12 9.62
CA ASP B 122 8.82 -4.19 8.16
C ASP B 122 8.01 -5.41 7.78
N SER B 123 6.84 -5.20 7.19
CA SER B 123 5.92 -6.29 6.82
C SER B 123 5.75 -6.31 5.29
N PRO B 124 5.93 -7.48 4.65
CA PRO B 124 5.81 -7.57 3.20
C PRO B 124 4.35 -7.62 2.77
N ILE B 125 4.10 -7.20 1.54
CA ILE B 125 2.72 -7.18 1.01
C ILE B 125 2.05 -8.56 1.11
N ALA B 126 2.82 -9.61 0.85
CA ALA B 126 2.23 -10.95 0.75
C ALA B 126 1.66 -11.48 2.06
N GLN B 127 2.10 -10.93 3.19
CA GLN B 127 1.52 -11.30 4.48
C GLN B 127 0.13 -10.75 4.69
N GLY B 128 -0.29 -9.77 3.87
CA GLY B 128 -1.64 -9.26 3.97
C GLY B 128 -1.91 -8.67 5.34
N ARG B 129 -3.14 -8.83 5.81
CA ARG B 129 -3.56 -8.26 7.10
C ARG B 129 -3.01 -9.02 8.31
N ASP B 130 -2.32 -10.13 8.07
CA ASP B 130 -1.58 -10.81 9.13
C ASP B 130 -0.26 -10.13 9.43
N GLY B 131 0.19 -9.20 8.60
CA GLY B 131 1.42 -8.49 8.85
C GLY B 131 1.40 -7.67 10.12
N THR B 132 2.54 -7.60 10.79
CA THR B 132 2.66 -6.85 12.02
C THR B 132 2.34 -5.37 11.82
N VAL B 133 2.85 -4.78 10.74
CA VAL B 133 2.59 -3.36 10.48
C VAL B 133 1.08 -3.09 10.39
N HIS B 134 0.39 -3.92 9.60
CA HIS B 134 -1.05 -3.80 9.48
C HIS B 134 -1.74 -3.87 10.83
N LYS B 135 -1.42 -4.90 11.60
CA LYS B 135 -2.07 -5.10 12.88
C LYS B 135 -1.82 -3.94 13.84
N VAL B 136 -0.59 -3.43 13.86
CA VAL B 136 -0.26 -2.27 14.70
C VAL B 136 -1.11 -1.06 14.33
N VAL B 137 -1.09 -0.68 13.06
CA VAL B 137 -1.74 0.54 12.62
C VAL B 137 -3.26 0.41 12.65
N TYR B 138 -3.79 -0.69 12.13
CA TYR B 138 -5.25 -0.88 12.16
C TYR B 138 -5.77 -0.95 13.59
N GLY B 139 -4.99 -1.53 14.50
CA GLY B 139 -5.31 -1.49 15.92
C GLY B 139 -5.56 -0.07 16.43
N LEU B 140 -4.66 0.85 16.09
CA LEU B 140 -4.82 2.26 16.48
C LEU B 140 -6.04 2.93 15.85
N MET B 141 -6.34 2.55 14.61
CA MET B 141 -7.52 3.08 13.91
C MET B 141 -8.82 2.61 14.55
N SER B 142 -8.81 1.43 15.17
CA SER B 142 -10.02 0.75 15.63
C SER B 142 -10.17 0.63 17.16
N GLY B 143 -9.38 1.40 17.91
CA GLY B 143 -9.52 1.47 19.38
C GLY B 143 -8.89 0.35 20.19
N ASP B 144 -7.92 -0.33 19.59
CA ASP B 144 -7.23 -1.45 20.24
C ASP B 144 -5.73 -1.32 20.01
N SER B 145 -5.01 -0.82 21.01
CA SER B 145 -3.55 -0.71 20.92
C SER B 145 -2.76 -1.97 21.33
N SER B 146 -3.40 -3.12 21.45
N SER B 146 -3.42 -3.12 21.45
CA SER B 146 -2.71 -4.33 21.90
CA SER B 146 -2.76 -4.37 21.86
C SER B 146 -1.55 -4.73 20.99
C SER B 146 -1.56 -4.72 20.98
N ALA B 147 -1.72 -4.60 19.67
CA ALA B 147 -0.65 -4.95 18.75
C ALA B 147 0.57 -4.02 18.91
N LEU B 148 0.31 -2.72 18.98
CA LEU B 148 1.39 -1.77 19.25
C LEU B 148 2.07 -2.07 20.59
N GLN B 149 1.28 -2.29 21.64
CA GLN B 149 1.82 -2.65 22.95
C GLN B 149 2.74 -3.86 22.88
N GLY B 150 2.29 -4.90 22.19
CA GLY B 150 3.08 -6.11 22.03
C GLY B 150 4.42 -5.87 21.35
N GLN B 151 4.43 -5.04 20.30
CA GLN B 151 5.67 -4.73 19.61
C GLN B 151 6.63 -3.87 20.43
N ILE B 152 6.09 -2.85 21.09
N ILE B 152 6.11 -2.86 21.11
CA ILE B 152 6.91 -2.03 21.99
CA ILE B 152 6.95 -2.06 21.99
C ILE B 152 7.51 -2.90 23.11
C ILE B 152 7.53 -2.93 23.10
N ASP B 153 6.71 -3.80 23.67
CA ASP B 153 7.17 -4.72 24.72
C ASP B 153 8.35 -5.57 24.25
N ALA B 154 8.24 -6.14 23.06
CA ALA B 154 9.31 -6.94 22.51
C ALA B 154 10.59 -6.14 22.27
N LEU B 155 10.43 -4.94 21.74
CA LEU B 155 11.57 -4.06 21.49
C LEU B 155 12.28 -3.67 22.80
N LEU B 156 11.50 -3.34 23.82
CA LEU B 156 12.06 -2.96 25.13
C LEU B 156 12.80 -4.12 25.79
N LYS B 157 12.20 -5.31 25.78
N LYS B 157 12.19 -5.31 25.79
CA LYS B 157 12.82 -6.48 26.38
CA LYS B 157 12.85 -6.50 26.34
C LYS B 157 14.13 -6.86 25.67
C LYS B 157 14.17 -6.81 25.67
N ALA B 158 14.21 -6.62 24.36
CA ALA B 158 15.43 -6.84 23.59
C ALA B 158 16.53 -5.82 23.94
N VAL B 159 16.15 -4.60 24.31
CA VAL B 159 17.12 -3.65 24.84
C VAL B 159 17.69 -4.14 26.18
N ASP B 160 16.80 -4.49 27.11
CA ASP B 160 17.22 -5.14 28.36
C ASP B 160 16.04 -5.92 28.89
N PRO B 161 16.25 -7.19 29.32
CA PRO B 161 15.10 -8.03 29.65
C PRO B 161 14.27 -7.58 30.84
N SER B 162 14.78 -6.64 31.65
CA SER B 162 14.03 -6.07 32.75
C SER B 162 13.09 -4.93 32.33
N LEU B 163 13.23 -4.41 31.09
CA LEU B 163 12.39 -3.33 30.58
C LEU B 163 11.14 -3.90 29.87
N SER B 164 10.02 -3.22 29.96
CA SER B 164 8.77 -3.70 29.37
C SER B 164 7.77 -2.57 29.22
N ILE B 165 6.62 -2.87 28.63
N ILE B 165 6.64 -2.93 28.62
CA ILE B 165 5.53 -1.88 28.59
CA ILE B 165 5.48 -2.06 28.52
C ILE B 165 4.93 -1.57 29.95
C ILE B 165 4.91 -1.65 29.89
N ASN B 166 5.28 -2.37 30.96
CA ASN B 166 4.87 -2.06 32.33
C ASN B 166 5.85 -1.15 33.06
N SER B 167 6.98 -0.82 32.42
CA SER B 167 7.88 0.21 32.93
C SER B 167 7.24 1.57 32.75
N THR B 168 7.54 2.50 33.66
CA THR B 168 7.12 3.87 33.49
C THR B 168 8.00 4.58 32.47
N PHE B 169 7.52 5.68 31.92
CA PHE B 169 8.33 6.49 31.01
C PHE B 169 9.64 6.94 31.71
N ASP B 170 9.54 7.35 32.98
CA ASP B 170 10.75 7.72 33.73
C ASP B 170 11.74 6.56 33.91
N GLN B 171 11.25 5.35 34.17
CA GLN B 171 12.12 4.19 34.25
C GLN B 171 12.84 3.97 32.92
N LEU B 172 12.10 4.08 31.82
CA LEU B 172 12.70 3.92 30.51
C LEU B 172 13.70 5.02 30.20
N ALA B 173 13.44 6.23 30.71
CA ALA B 173 14.39 7.32 30.60
C ALA B 173 15.65 7.09 31.44
N ALA B 174 15.49 6.50 32.62
CA ALA B 174 16.64 6.13 33.45
C ALA B 174 17.53 5.08 32.77
N ALA B 175 16.98 4.27 31.87
CA ALA B 175 17.76 3.31 31.08
C ALA B 175 18.23 3.88 29.74
N GLY B 176 18.02 5.16 29.50
CA GLY B 176 18.46 5.83 28.27
C GLY B 176 17.59 5.62 27.05
N VAL B 177 16.47 4.91 27.20
CA VAL B 177 15.59 4.60 26.08
C VAL B 177 14.62 5.73 25.78
N ALA B 178 14.06 6.33 26.83
CA ALA B 178 13.05 7.38 26.72
C ALA B 178 13.63 8.73 27.07
N HIS B 179 12.98 9.78 26.59
CA HIS B 179 13.50 11.15 26.66
C HIS B 179 12.31 12.09 26.87
N ALA B 180 12.38 12.88 27.94
CA ALA B 180 11.26 13.73 28.33
C ALA B 180 11.24 15.02 27.53
N THR B 181 10.03 15.52 27.29
CA THR B 181 9.79 16.82 26.66
C THR B 181 8.85 17.63 27.57
N PRO B 182 8.84 18.97 27.44
CA PRO B 182 8.06 19.84 28.33
C PRO B 182 6.58 19.47 28.52
N ALA B 183 6.06 19.77 29.70
CA ALA B 183 4.68 19.43 30.10
C ALA B 183 3.60 19.84 29.09
N ALA B 184 3.82 20.97 28.43
CA ALA B 184 3.02 21.40 27.27
C ALA B 184 1.52 21.58 27.58
#